data_201D
#
_entry.id   201D
#
_cell.length_a   1.000
_cell.length_b   1.000
_cell.length_c   1.000
_cell.angle_alpha   90.00
_cell.angle_beta   90.00
_cell.angle_gamma   90.00
#
_symmetry.space_group_name_H-M   'P 1'
#
_entity_poly.entity_id   1
_entity_poly.type   'polydeoxyribonucleotide'
_entity_poly.pdbx_seq_one_letter_code
;(DG)(DG)(DG)(DG)(DT)(DT)(DT)(DT)(DG)(DG)(DG)(DG)(DT)(DT)(DT)(DT)(DG)(DG)(DG)(DG)
(DT)(DT)(DT)(DT)(DG)(DG)(DG)(DG)
;
_entity_poly.pdbx_strand_id   A
#